data_3AW5
#
_entry.id   3AW5
#
_cell.length_a   103.950
_cell.length_b   103.950
_cell.length_c   122.083
_cell.angle_alpha   90.000
_cell.angle_beta   90.000
_cell.angle_gamma   90.000
#
_symmetry.space_group_name_H-M   'I 41'
#
loop_
_entity.id
_entity.type
_entity.pdbx_description
1 polymer 'Multicopper oxidase'
2 non-polymer 'COPPER (II) ION'
3 non-polymer 'CU-O-CU LINKAGE'
4 non-polymer 'ACETATE ION'
5 water water
#
_entity_poly.entity_id   1
_entity_poly.type   'polypeptide(L)'
_entity_poly.pdbx_seq_one_letter_code
;TGEVKRPETSAPVPPLIKEATYIEATASGYMAEGVLNPTIILRRGQRVDMTLKNKLTEPTIVHWHGFDVNWHNDAHPSFA
ITPGESYNYSFDVVNRAGTYLYHPHPHGLTAKQFYMGQLGLVIVEDSGSDLGFKYGVNDLPLVISDRRFIGGAPVYNPTP
MEMIAGFLGNAVLVNGVKDAVFKLSGGSYRLRLVNGSNARLYMLSIVKKNGDVVPMRLIAVDQGFLARPIEVRALFLAPA
ERAEVVVELGEGVYLLKNTPFDPMHLEMGHGMQEALPEGSEYTIATFLVEGKGEAVPVEALSDPPPEPPKPTRTRRFALS
LSGMQWTINGMFWNASNPLFEHVSVEGVELWEIVNDKASMPHPMHLHGFPMWIIERKDSPRQVAELAVDNRGRLPTDLGL
KDTVLIWPGETVKIVVNFDAKKRGQLFPFHCHNLEHEDGGMMINIAVK
;
_entity_poly.pdbx_strand_id   A
#
loop_
_chem_comp.id
_chem_comp.type
_chem_comp.name
_chem_comp.formula
ACT non-polymer 'ACETATE ION' 'C2 H3 O2 -1'
C2O non-polymer 'CU-O-CU LINKAGE' 'Cu2 O'
CU non-polymer 'COPPER (II) ION' 'Cu 2'
#
# COMPACT_ATOMS: atom_id res chain seq x y z
N ALA A 11 -21.87 7.38 -2.66
CA ALA A 11 -20.39 7.29 -2.86
C ALA A 11 -19.63 7.73 -1.61
N PRO A 12 -19.68 6.92 -0.54
CA PRO A 12 -19.00 7.22 0.73
C PRO A 12 -17.47 7.12 0.68
N VAL A 13 -16.81 8.27 0.71
CA VAL A 13 -15.35 8.32 0.70
C VAL A 13 -14.92 9.26 1.82
N PRO A 14 -13.65 9.19 2.23
CA PRO A 14 -13.17 10.07 3.31
C PRO A 14 -13.28 11.54 2.91
N PRO A 15 -13.65 12.41 3.85
CA PRO A 15 -13.75 13.84 3.53
C PRO A 15 -12.34 14.42 3.38
N LEU A 16 -12.23 15.53 2.65
CA LEU A 16 -10.94 16.17 2.45
C LEU A 16 -10.59 17.13 3.57
N ILE A 17 -9.30 17.29 3.80
CA ILE A 17 -8.80 18.22 4.81
C ILE A 17 -7.67 19.01 4.14
N LYS A 18 -7.93 20.30 3.90
CA LYS A 18 -6.97 21.17 3.24
C LYS A 18 -5.84 21.57 4.20
N GLU A 19 -6.20 21.98 5.41
CA GLU A 19 -5.18 22.38 6.37
C GLU A 19 -4.99 21.36 7.48
N ALA A 20 -4.04 20.46 7.28
CA ALA A 20 -3.72 19.45 8.27
C ALA A 20 -2.52 19.93 9.06
N THR A 21 -2.79 20.78 10.05
CA THR A 21 -1.74 21.33 10.90
C THR A 21 -1.75 20.63 12.24
N TYR A 22 -2.87 19.96 12.53
CA TYR A 22 -3.01 19.26 13.79
C TYR A 22 -3.81 17.97 13.64
N ILE A 23 -3.27 16.89 14.16
CA ILE A 23 -3.94 15.60 14.10
C ILE A 23 -3.71 14.81 15.38
N GLU A 24 -4.74 14.10 15.81
CA GLU A 24 -4.64 13.30 17.01
C GLU A 24 -4.81 11.82 16.70
N ALA A 25 -3.95 11.00 17.29
CA ALA A 25 -4.02 9.57 17.09
C ALA A 25 -4.94 9.03 18.18
N THR A 26 -6.09 8.49 17.77
CA THR A 26 -7.05 7.92 18.71
C THR A 26 -7.26 6.45 18.30
N ALA A 27 -7.84 5.67 19.19
CA ALA A 27 -8.07 4.26 18.93
C ALA A 27 -8.89 4.00 17.67
N SER A 28 -9.81 4.90 17.36
CA SER A 28 -10.68 4.75 16.20
C SER A 28 -10.07 5.32 14.92
N GLY A 29 -8.91 5.97 15.05
CA GLY A 29 -8.27 6.56 13.90
C GLY A 29 -7.78 7.97 14.15
N TYR A 30 -7.29 8.63 13.12
CA TYR A 30 -6.79 10.00 13.25
C TYR A 30 -7.91 11.03 13.25
N MET A 31 -7.88 11.91 14.24
CA MET A 31 -8.90 12.95 14.37
C MET A 31 -8.31 14.32 14.05
N ALA A 32 -8.94 15.02 13.11
CA ALA A 32 -8.50 16.34 12.70
C ALA A 32 -9.71 17.16 12.30
N GLU A 33 -10.04 18.17 13.10
CA GLU A 33 -11.17 19.05 12.83
C GLU A 33 -12.49 18.33 13.03
N GLY A 34 -12.53 17.39 13.96
CA GLY A 34 -13.74 16.66 14.22
C GLY A 34 -14.03 15.53 13.24
N VAL A 35 -13.17 15.37 12.24
CA VAL A 35 -13.39 14.31 11.25
C VAL A 35 -12.34 13.20 11.38
N LEU A 36 -12.80 11.98 11.19
CA LEU A 36 -11.95 10.78 11.30
C LEU A 36 -11.28 10.36 10.01
N ASN A 37 -9.96 10.17 10.07
CA ASN A 37 -9.16 9.73 8.93
C ASN A 37 -9.44 10.50 7.64
N PRO A 38 -9.39 11.83 7.71
CA PRO A 38 -9.65 12.62 6.50
C PRO A 38 -8.51 12.48 5.51
N THR A 39 -8.83 12.68 4.23
CA THR A 39 -7.83 12.61 3.20
C THR A 39 -7.10 13.94 3.20
N ILE A 40 -5.79 13.88 3.36
CA ILE A 40 -4.95 15.06 3.38
C ILE A 40 -4.54 15.32 1.92
N ILE A 41 -4.97 16.45 1.36
CA ILE A 41 -4.61 16.75 -0.03
C ILE A 41 -3.54 17.84 -0.06
N LEU A 42 -2.47 17.57 -0.80
CA LEU A 42 -1.34 18.49 -0.89
C LEU A 42 -0.95 18.80 -2.33
N ARG A 43 -0.13 19.84 -2.47
CA ARG A 43 0.38 20.27 -3.76
C ARG A 43 1.87 19.96 -3.85
N ARG A 44 2.30 19.34 -4.95
CA ARG A 44 3.71 19.05 -5.13
C ARG A 44 4.45 20.39 -4.93
N GLY A 45 5.51 20.38 -4.13
CA GLY A 45 6.28 21.59 -3.90
C GLY A 45 5.89 22.41 -2.70
N GLN A 46 4.72 22.16 -2.11
CA GLN A 46 4.28 22.93 -0.93
C GLN A 46 4.94 22.46 0.35
N ARG A 47 4.81 23.28 1.38
CA ARG A 47 5.38 22.96 2.67
C ARG A 47 4.31 22.35 3.55
N VAL A 48 4.68 21.29 4.27
CA VAL A 48 3.75 20.65 5.18
C VAL A 48 4.25 20.96 6.58
N ASP A 49 3.32 21.23 7.47
CA ASP A 49 3.67 21.53 8.85
C ASP A 49 2.52 21.09 9.72
N MET A 50 2.65 19.93 10.34
CA MET A 50 1.59 19.45 11.21
C MET A 50 2.09 18.73 12.42
N THR A 51 1.35 18.89 13.50
CA THR A 51 1.70 18.28 14.77
C THR A 51 0.82 17.09 15.06
N LEU A 52 1.46 16.00 15.46
CA LEU A 52 0.74 14.79 15.81
C LEU A 52 0.68 14.70 17.33
N LYS A 53 -0.51 14.51 17.88
CA LYS A 53 -0.64 14.38 19.33
C LYS A 53 -1.11 12.97 19.62
N ASN A 54 -0.41 12.30 20.52
CA ASN A 54 -0.76 10.94 20.89
C ASN A 54 -1.85 10.92 21.96
N LYS A 55 -3.05 10.46 21.58
CA LYS A 55 -4.15 10.37 22.53
C LYS A 55 -4.47 8.92 22.82
N LEU A 56 -3.51 8.04 22.53
CA LEU A 56 -3.65 6.61 22.78
C LEU A 56 -3.16 6.32 24.20
N THR A 57 -3.09 5.05 24.56
CA THR A 57 -2.60 4.67 25.88
C THR A 57 -1.29 3.93 25.69
N GLU A 58 -0.72 4.06 24.49
CA GLU A 58 0.53 3.42 24.15
C GLU A 58 1.29 4.31 23.18
N PRO A 59 2.58 4.02 22.94
CA PRO A 59 3.37 4.83 22.03
C PRO A 59 2.88 4.71 20.57
N THR A 60 3.23 5.71 19.77
CA THR A 60 2.86 5.70 18.37
C THR A 60 3.65 6.78 17.64
N ILE A 61 3.56 6.73 16.31
CA ILE A 61 4.24 7.69 15.46
C ILE A 61 3.58 7.57 14.09
N VAL A 62 3.50 8.67 13.36
CA VAL A 62 2.89 8.62 12.03
C VAL A 62 3.91 8.41 10.93
N HIS A 63 3.58 7.57 9.96
CA HIS A 63 4.49 7.38 8.85
C HIS A 63 3.83 7.91 7.59
N TRP A 64 4.56 8.70 6.82
CA TRP A 64 4.07 9.25 5.56
C TRP A 64 4.56 8.26 4.51
N HIS A 65 3.74 7.23 4.30
CA HIS A 65 4.07 6.16 3.38
C HIS A 65 4.35 6.61 1.96
N GLY A 66 5.56 6.30 1.50
CA GLY A 66 5.98 6.63 0.14
C GLY A 66 6.58 8.02 -0.04
N PHE A 67 6.61 8.82 1.01
CA PHE A 67 7.14 10.18 0.93
C PHE A 67 8.65 10.30 0.97
N ASP A 68 9.18 11.20 0.15
CA ASP A 68 10.62 11.46 0.13
C ASP A 68 10.87 12.57 1.15
N VAL A 69 11.22 12.18 2.38
CA VAL A 69 11.51 13.10 3.48
C VAL A 69 12.69 12.55 4.30
N ASN A 70 13.24 13.33 5.23
CA ASN A 70 14.36 12.81 6.02
C ASN A 70 13.78 11.88 7.09
N TRP A 71 14.63 11.09 7.73
CA TRP A 71 14.14 10.13 8.71
C TRP A 71 13.42 10.72 9.92
N HIS A 72 13.63 12.00 10.17
CA HIS A 72 12.95 12.66 11.27
C HIS A 72 11.48 12.91 10.90
N ASN A 73 11.23 13.10 9.61
CA ASN A 73 9.88 13.34 9.09
C ASN A 73 9.22 12.09 8.48
N ASP A 74 9.98 11.03 8.30
CA ASP A 74 9.46 9.70 7.90
C ASP A 74 8.21 9.22 8.64
N ALA A 75 8.15 9.23 9.96
CA ALA A 75 9.26 9.25 10.86
C ALA A 75 9.67 7.87 11.37
N HIS A 76 10.96 7.69 11.54
CA HIS A 76 11.52 6.44 12.05
C HIS A 76 10.83 5.91 13.31
N PRO A 77 10.66 4.60 13.39
CA PRO A 77 10.05 3.99 14.57
C PRO A 77 10.63 4.43 15.92
N SER A 78 11.94 4.67 15.95
CA SER A 78 12.61 5.07 17.18
C SER A 78 12.15 6.43 17.71
N PHE A 79 11.49 7.22 16.87
CA PHE A 79 11.02 8.53 17.27
C PHE A 79 9.60 8.52 17.83
N ALA A 80 9.05 7.33 18.07
CA ALA A 80 7.70 7.20 18.58
C ALA A 80 7.52 8.00 19.87
N ILE A 81 6.34 8.59 20.04
CA ILE A 81 6.05 9.39 21.22
C ILE A 81 5.10 8.66 22.17
N THR A 82 5.17 9.05 23.44
CA THR A 82 4.34 8.44 24.48
C THR A 82 3.00 9.15 24.55
N PRO A 83 2.03 8.56 25.28
CA PRO A 83 0.71 9.20 25.40
C PRO A 83 0.81 10.59 26.00
N GLY A 84 0.12 11.55 25.38
CA GLY A 84 0.15 12.91 25.87
C GLY A 84 1.16 13.79 25.16
N GLU A 85 2.20 13.19 24.59
CA GLU A 85 3.22 13.94 23.88
C GLU A 85 2.77 14.30 22.47
N SER A 86 3.55 15.16 21.83
CA SER A 86 3.27 15.60 20.47
C SER A 86 4.55 15.45 19.65
N TYR A 87 4.41 15.46 18.32
CA TYR A 87 5.56 15.33 17.42
C TYR A 87 5.25 16.20 16.21
N ASN A 88 6.22 17.01 15.78
CA ASN A 88 5.98 17.87 14.63
C ASN A 88 6.69 17.46 13.35
N TYR A 89 5.95 17.50 12.25
CA TYR A 89 6.49 17.17 10.93
C TYR A 89 6.55 18.48 10.14
N SER A 90 7.70 18.76 9.53
CA SER A 90 7.87 19.97 8.73
C SER A 90 8.77 19.62 7.56
N PHE A 91 8.22 19.63 6.35
CA PHE A 91 9.00 19.29 5.17
C PHE A 91 8.37 19.80 3.88
N ASP A 92 9.15 19.78 2.79
CA ASP A 92 8.65 20.20 1.49
C ASP A 92 8.18 18.95 0.76
N VAL A 93 7.00 19.03 0.14
CA VAL A 93 6.47 17.90 -0.61
C VAL A 93 7.16 17.83 -1.95
N VAL A 94 8.07 16.87 -2.11
CA VAL A 94 8.78 16.73 -3.36
C VAL A 94 8.40 15.46 -4.12
N ASN A 95 7.30 14.84 -3.70
CA ASN A 95 6.82 13.64 -4.36
C ASN A 95 5.98 14.01 -5.58
N ARG A 96 5.89 13.09 -6.53
CA ARG A 96 5.08 13.31 -7.72
C ARG A 96 3.61 13.15 -7.33
N ALA A 97 2.72 13.68 -8.17
CA ALA A 97 1.28 13.56 -7.92
C ALA A 97 1.00 12.07 -7.77
N GLY A 98 0.22 11.70 -6.77
CA GLY A 98 -0.09 10.30 -6.58
C GLY A 98 -0.92 10.09 -5.33
N THR A 99 -1.22 8.83 -5.02
CA THR A 99 -2.00 8.49 -3.84
C THR A 99 -1.06 7.79 -2.85
N TYR A 100 -0.93 8.39 -1.67
CA TYR A 100 -0.04 7.89 -0.63
C TYR A 100 -0.86 7.68 0.64
N LEU A 101 -0.21 7.30 1.73
CA LEU A 101 -0.93 7.05 2.98
C LEU A 101 -0.23 7.62 4.21
N TYR A 102 -0.99 7.76 5.28
CA TYR A 102 -0.41 8.16 6.56
C TYR A 102 -0.96 7.15 7.56
N HIS A 103 -0.08 6.52 8.33
CA HIS A 103 -0.51 5.51 9.30
C HIS A 103 0.54 5.33 10.39
N PRO A 104 0.22 4.57 11.45
CA PRO A 104 1.15 4.35 12.55
C PRO A 104 2.39 3.53 12.20
N HIS A 105 3.44 3.69 13.00
CA HIS A 105 4.64 2.91 12.78
C HIS A 105 5.39 2.49 14.05
N PRO A 106 4.72 2.46 15.22
CA PRO A 106 5.46 2.05 16.42
C PRO A 106 5.77 0.55 16.35
N HIS A 107 7.02 0.16 16.63
CA HIS A 107 7.36 -1.25 16.56
C HIS A 107 6.55 -2.12 17.51
N GLY A 108 6.01 -3.22 16.97
CA GLY A 108 5.24 -4.15 17.78
C GLY A 108 3.79 -3.78 18.04
N LEU A 109 3.40 -2.55 17.72
CA LEU A 109 2.02 -2.14 17.97
C LEU A 109 1.34 -1.60 16.73
N THR A 110 2.02 -1.66 15.60
CA THR A 110 1.47 -1.13 14.37
C THR A 110 0.23 -1.85 13.84
N ALA A 111 0.29 -3.19 13.79
CA ALA A 111 -0.84 -3.97 13.26
C ALA A 111 -2.17 -3.66 13.94
N LYS A 112 -2.17 -3.63 15.26
CA LYS A 112 -3.38 -3.35 16.03
C LYS A 112 -3.90 -1.92 15.82
N GLN A 113 -3.02 -0.94 15.95
CA GLN A 113 -3.44 0.45 15.78
C GLN A 113 -3.99 0.70 14.39
N PHE A 114 -3.31 0.16 13.38
CA PHE A 114 -3.72 0.28 11.98
C PHE A 114 -5.09 -0.37 11.80
N TYR A 115 -5.20 -1.63 12.20
CA TYR A 115 -6.43 -2.41 12.09
C TYR A 115 -7.62 -1.78 12.84
N MET A 116 -7.37 -1.25 14.02
CA MET A 116 -8.46 -0.65 14.79
C MET A 116 -8.95 0.69 14.21
N GLY A 117 -8.29 1.18 13.17
CA GLY A 117 -8.75 2.43 12.57
C GLY A 117 -7.78 3.49 12.09
N GLN A 118 -6.54 3.49 12.60
CA GLN A 118 -5.57 4.51 12.20
C GLN A 118 -4.96 4.30 10.83
N LEU A 119 -5.58 4.93 9.83
CA LEU A 119 -5.12 4.87 8.44
C LEU A 119 -5.85 5.93 7.62
N GLY A 120 -5.08 6.78 6.95
CA GLY A 120 -5.69 7.80 6.13
C GLY A 120 -4.98 7.91 4.80
N LEU A 121 -5.57 8.68 3.88
CA LEU A 121 -4.96 8.87 2.58
C LEU A 121 -4.28 10.23 2.48
N VAL A 122 -3.23 10.28 1.65
CA VAL A 122 -2.53 11.52 1.39
C VAL A 122 -2.49 11.65 -0.12
N ILE A 123 -3.21 12.63 -0.65
CA ILE A 123 -3.19 12.83 -2.09
C ILE A 123 -2.30 14.03 -2.44
N VAL A 124 -1.38 13.82 -3.38
CA VAL A 124 -0.51 14.89 -3.83
C VAL A 124 -0.99 15.23 -5.23
N GLU A 125 -1.29 16.50 -5.45
CA GLU A 125 -1.73 16.98 -6.76
C GLU A 125 -0.63 17.83 -7.39
N ASP A 126 -0.62 17.88 -8.72
CA ASP A 126 0.33 18.68 -9.49
C ASP A 126 -0.44 19.15 -10.70
N SER A 127 0.18 20.03 -11.50
CA SER A 127 -0.45 20.57 -12.69
C SER A 127 -1.13 19.53 -13.57
N GLY A 128 -2.45 19.60 -13.68
CA GLY A 128 -3.18 18.65 -14.52
C GLY A 128 -3.28 17.21 -14.04
N SER A 129 -2.93 16.96 -12.78
CA SER A 129 -3.01 15.59 -12.26
C SER A 129 -4.43 15.07 -12.04
N ASP A 130 -5.39 15.96 -11.79
CA ASP A 130 -6.75 15.47 -11.56
C ASP A 130 -7.40 14.94 -12.84
N LEU A 131 -6.73 15.17 -13.97
CA LEU A 131 -7.18 14.72 -15.29
C LEU A 131 -8.66 14.99 -15.58
N GLY A 132 -9.23 16.00 -14.93
CA GLY A 132 -10.62 16.33 -15.18
C GLY A 132 -11.64 15.68 -14.26
N PHE A 133 -11.18 14.87 -13.31
CA PHE A 133 -12.08 14.19 -12.37
C PHE A 133 -12.21 15.00 -11.07
N LYS A 134 -13.33 14.81 -10.38
CA LYS A 134 -13.57 15.50 -9.11
C LYS A 134 -13.63 14.53 -7.93
N TYR A 135 -12.80 14.78 -6.91
CA TYR A 135 -12.75 13.94 -5.72
C TYR A 135 -14.14 13.82 -5.09
N GLY A 136 -14.56 12.59 -4.81
CA GLY A 136 -15.86 12.40 -4.21
C GLY A 136 -17.00 12.32 -5.21
N VAL A 137 -16.72 12.62 -6.47
CA VAL A 137 -17.75 12.56 -7.51
C VAL A 137 -17.44 11.43 -8.50
N ASN A 138 -16.37 11.58 -9.28
CA ASN A 138 -15.96 10.54 -10.21
C ASN A 138 -14.48 10.16 -10.06
N ASP A 139 -13.86 10.68 -9.01
CA ASP A 139 -12.46 10.39 -8.67
C ASP A 139 -12.70 9.79 -7.29
N LEU A 140 -12.82 8.47 -7.23
CA LEU A 140 -13.14 7.79 -5.98
C LEU A 140 -12.05 6.90 -5.38
N PRO A 141 -11.63 7.21 -4.15
CA PRO A 141 -10.62 6.35 -3.53
C PRO A 141 -11.39 5.16 -2.95
N LEU A 142 -10.89 3.95 -3.20
CA LEU A 142 -11.53 2.75 -2.67
C LEU A 142 -10.51 2.06 -1.77
N VAL A 143 -10.53 2.38 -0.48
CA VAL A 143 -9.60 1.77 0.46
C VAL A 143 -10.26 0.46 0.91
N ILE A 144 -9.67 -0.63 0.45
CA ILE A 144 -10.16 -1.97 0.75
C ILE A 144 -9.46 -2.52 1.98
N SER A 145 -10.26 -2.93 2.97
CA SER A 145 -9.70 -3.49 4.18
C SER A 145 -10.59 -4.64 4.61
N ASP A 146 -10.08 -5.53 5.45
CA ASP A 146 -10.92 -6.62 5.93
C ASP A 146 -10.84 -6.61 7.45
N ARG A 147 -11.87 -7.18 8.08
CA ARG A 147 -11.95 -7.23 9.54
C ARG A 147 -12.53 -8.57 9.98
N ARG A 148 -12.15 -9.03 11.15
CA ARG A 148 -12.71 -10.27 11.66
C ARG A 148 -13.82 -9.82 12.61
N PHE A 149 -15.06 -9.99 12.17
CA PHE A 149 -16.20 -9.61 12.98
C PHE A 149 -16.68 -10.77 13.85
N ILE A 150 -16.86 -10.50 15.15
CA ILE A 150 -17.39 -11.46 16.11
C ILE A 150 -18.52 -10.67 16.75
N GLY A 151 -19.75 -11.14 16.62
CA GLY A 151 -20.88 -10.42 17.20
C GLY A 151 -21.09 -9.11 16.45
N GLY A 152 -20.65 -9.05 15.21
CA GLY A 152 -20.80 -7.84 14.41
C GLY A 152 -19.79 -6.74 14.68
N ALA A 153 -18.83 -6.99 15.56
CA ALA A 153 -17.78 -6.01 15.90
C ALA A 153 -16.40 -6.58 15.58
N PRO A 154 -15.49 -5.75 15.05
CA PRO A 154 -14.13 -6.21 14.71
C PRO A 154 -13.30 -6.61 15.91
N VAL A 155 -12.52 -7.67 15.77
CA VAL A 155 -11.66 -8.10 16.84
C VAL A 155 -10.26 -8.33 16.26
N TYR A 156 -9.23 -8.06 17.06
CA TYR A 156 -7.86 -8.29 16.61
C TYR A 156 -7.20 -9.13 17.71
N ASN A 157 -7.24 -10.44 17.51
CA ASN A 157 -6.68 -11.39 18.46
C ASN A 157 -5.86 -12.45 17.75
N PRO A 158 -4.79 -12.04 17.06
CA PRO A 158 -3.95 -13.01 16.33
C PRO A 158 -3.29 -14.08 17.18
N THR A 159 -3.42 -15.33 16.73
CA THR A 159 -2.80 -16.46 17.41
C THR A 159 -1.36 -16.52 16.92
N PRO A 160 -0.51 -17.33 17.59
CA PRO A 160 0.88 -17.41 17.14
C PRO A 160 0.98 -17.79 15.67
N MET A 161 0.10 -18.67 15.20
CA MET A 161 0.12 -19.08 13.80
C MET A 161 -0.30 -17.95 12.85
N GLU A 162 -1.24 -17.11 13.29
CA GLU A 162 -1.70 -16.00 12.47
C GLU A 162 -0.64 -14.88 12.45
N MET A 163 0.21 -14.85 13.48
CA MET A 163 1.29 -13.86 13.50
C MET A 163 2.27 -14.28 12.41
N ILE A 164 2.35 -15.59 12.18
CA ILE A 164 3.22 -16.13 11.14
C ILE A 164 2.62 -15.95 9.76
N ALA A 165 1.33 -16.23 9.64
CA ALA A 165 0.68 -16.15 8.32
C ALA A 165 0.05 -14.81 7.94
N GLY A 166 -0.32 -14.04 8.95
CA GLY A 166 -1.00 -12.77 8.67
C GLY A 166 -2.42 -12.95 9.17
N PHE A 167 -3.02 -11.87 9.67
CA PHE A 167 -4.36 -11.92 10.21
C PHE A 167 -5.42 -11.58 9.18
N LEU A 168 -6.24 -12.58 8.81
CA LEU A 168 -7.31 -12.39 7.82
C LEU A 168 -8.72 -12.25 8.43
N GLY A 169 -9.46 -11.24 7.96
CA GLY A 169 -10.81 -11.03 8.46
C GLY A 169 -11.85 -11.91 7.74
N ASN A 170 -13.10 -11.83 8.17
CA ASN A 170 -14.15 -12.63 7.54
C ASN A 170 -15.10 -11.76 6.72
N ALA A 171 -14.77 -10.48 6.59
CA ALA A 171 -15.58 -9.55 5.80
C ALA A 171 -14.70 -8.41 5.28
N VAL A 172 -14.95 -7.98 4.05
CA VAL A 172 -14.17 -6.91 3.42
C VAL A 172 -14.96 -5.60 3.33
N LEU A 173 -14.30 -4.50 3.69
CA LEU A 173 -14.92 -3.18 3.66
C LEU A 173 -14.25 -2.27 2.64
N VAL A 174 -14.93 -1.20 2.28
CA VAL A 174 -14.39 -0.19 1.37
C VAL A 174 -14.66 1.10 2.11
N ASN A 175 -13.60 1.85 2.38
CA ASN A 175 -13.70 3.10 3.11
C ASN A 175 -14.46 2.94 4.41
N GLY A 176 -14.21 1.82 5.09
CA GLY A 176 -14.83 1.55 6.37
C GLY A 176 -16.26 1.08 6.30
N VAL A 177 -16.78 0.87 5.10
CA VAL A 177 -18.15 0.44 4.94
C VAL A 177 -18.29 -1.04 4.55
N LYS A 178 -19.13 -1.77 5.28
CA LYS A 178 -19.37 -3.18 4.99
C LYS A 178 -20.39 -3.26 3.85
N ASP A 179 -20.23 -4.23 2.96
CA ASP A 179 -21.15 -4.39 1.82
C ASP A 179 -21.25 -3.05 1.06
N ALA A 180 -20.13 -2.37 0.93
CA ALA A 180 -20.08 -1.06 0.25
C ALA A 180 -20.86 -0.99 -1.05
N VAL A 181 -21.68 0.06 -1.16
CA VAL A 181 -22.49 0.30 -2.34
C VAL A 181 -22.28 1.74 -2.80
N PHE A 182 -22.16 1.93 -4.11
CA PHE A 182 -21.97 3.26 -4.68
C PHE A 182 -23.05 3.56 -5.73
N LYS A 183 -23.77 4.66 -5.55
CA LYS A 183 -24.79 5.06 -6.51
C LYS A 183 -24.14 6.06 -7.43
N LEU A 184 -23.89 5.66 -8.67
CA LEU A 184 -23.24 6.53 -9.63
C LEU A 184 -24.05 6.77 -10.90
N SER A 185 -23.70 7.82 -11.63
CA SER A 185 -24.35 8.14 -12.89
C SER A 185 -23.44 7.55 -13.95
N GLY A 186 -24.00 7.24 -15.13
CA GLY A 186 -23.19 6.67 -16.19
C GLY A 186 -22.07 7.57 -16.67
N GLY A 187 -20.87 7.01 -16.82
CA GLY A 187 -19.75 7.82 -17.29
C GLY A 187 -18.38 7.28 -16.93
N SER A 188 -17.39 8.16 -17.01
CA SER A 188 -16.01 7.81 -16.70
C SER A 188 -15.72 7.89 -15.21
N TYR A 189 -14.94 6.93 -14.72
CA TYR A 189 -14.59 6.91 -13.31
C TYR A 189 -13.13 6.55 -13.03
N ARG A 190 -12.50 7.39 -12.21
CA ARG A 190 -11.13 7.19 -11.81
C ARG A 190 -11.25 6.58 -10.43
N LEU A 191 -10.81 5.34 -10.28
CA LEU A 191 -10.91 4.66 -8.99
C LEU A 191 -9.51 4.44 -8.43
N ARG A 192 -9.27 4.95 -7.21
CA ARG A 192 -7.97 4.81 -6.58
C ARG A 192 -8.01 3.61 -5.63
N LEU A 193 -7.61 2.46 -6.15
CA LEU A 193 -7.62 1.22 -5.38
C LEU A 193 -6.45 1.19 -4.42
N VAL A 194 -6.77 1.04 -3.14
CA VAL A 194 -5.75 0.99 -2.09
C VAL A 194 -5.99 -0.22 -1.19
N ASN A 195 -4.97 -1.05 -1.02
CA ASN A 195 -5.13 -2.19 -0.13
C ASN A 195 -4.81 -1.71 1.29
N GLY A 196 -5.87 -1.51 2.09
CA GLY A 196 -5.69 -1.05 3.46
C GLY A 196 -5.83 -2.17 4.47
N SER A 197 -5.58 -3.40 4.04
CA SER A 197 -5.70 -4.56 4.93
C SER A 197 -4.38 -4.86 5.60
N ASN A 198 -4.44 -5.53 6.74
CA ASN A 198 -3.24 -5.91 7.47
C ASN A 198 -2.38 -6.91 6.69
N ALA A 199 -3.03 -7.87 6.04
CA ALA A 199 -2.31 -8.93 5.34
C ALA A 199 -2.97 -9.46 4.07
N ARG A 200 -4.29 -9.41 4.01
CA ARG A 200 -5.03 -9.94 2.87
C ARG A 200 -4.58 -9.42 1.50
N LEU A 201 -4.37 -10.36 0.60
CA LEU A 201 -3.99 -10.07 -0.77
C LEU A 201 -5.27 -10.12 -1.61
N TYR A 202 -5.38 -9.24 -2.60
CA TYR A 202 -6.55 -9.22 -3.49
C TYR A 202 -6.11 -9.31 -4.96
N MET A 203 -6.95 -9.92 -5.77
CA MET A 203 -6.74 -9.96 -7.22
C MET A 203 -8.05 -9.32 -7.66
N LEU A 204 -7.96 -8.03 -7.96
CA LEU A 204 -9.11 -7.21 -8.30
C LEU A 204 -9.56 -7.18 -9.75
N SER A 205 -10.87 -7.24 -9.94
CA SER A 205 -11.48 -7.18 -11.25
C SER A 205 -12.81 -6.45 -11.13
N ILE A 206 -13.19 -5.73 -12.17
CA ILE A 206 -14.47 -5.04 -12.18
C ILE A 206 -15.31 -5.76 -13.22
N VAL A 207 -16.50 -6.16 -12.84
CA VAL A 207 -17.35 -6.91 -13.75
C VAL A 207 -18.77 -6.40 -13.77
N LYS A 208 -19.46 -6.64 -14.88
CA LYS A 208 -20.86 -6.25 -15.01
C LYS A 208 -21.59 -7.42 -14.32
N LYS A 209 -22.51 -7.12 -13.40
CA LYS A 209 -23.23 -8.17 -12.68
C LYS A 209 -23.87 -9.14 -13.66
N ASN A 210 -23.44 -10.40 -13.58
CA ASN A 210 -23.93 -11.45 -14.46
C ASN A 210 -23.57 -11.12 -15.90
N GLY A 211 -22.52 -10.32 -16.06
CA GLY A 211 -22.07 -9.93 -17.38
C GLY A 211 -20.58 -10.20 -17.53
N ASP A 212 -19.92 -9.46 -18.42
CA ASP A 212 -18.50 -9.67 -18.65
C ASP A 212 -17.60 -8.84 -17.75
N VAL A 213 -16.31 -9.13 -17.82
CA VAL A 213 -15.30 -8.41 -17.09
C VAL A 213 -15.17 -7.06 -17.79
N VAL A 214 -15.00 -6.01 -17.00
CA VAL A 214 -14.84 -4.66 -17.52
C VAL A 214 -13.35 -4.31 -17.54
N PRO A 215 -12.80 -3.96 -18.72
CA PRO A 215 -11.38 -3.63 -18.74
C PRO A 215 -11.08 -2.38 -17.91
N MET A 216 -9.95 -2.42 -17.20
CA MET A 216 -9.53 -1.30 -16.36
C MET A 216 -8.29 -0.68 -16.99
N ARG A 217 -8.27 0.64 -17.11
CA ARG A 217 -7.10 1.30 -17.67
C ARG A 217 -6.27 1.83 -16.52
N LEU A 218 -5.16 1.15 -16.25
CA LEU A 218 -4.27 1.54 -15.16
C LEU A 218 -3.54 2.82 -15.56
N ILE A 219 -3.63 3.85 -14.73
CA ILE A 219 -2.96 5.11 -15.03
C ILE A 219 -1.88 5.51 -14.02
N ALA A 220 -1.94 4.96 -12.81
CA ALA A 220 -0.94 5.29 -11.79
C ALA A 220 -0.81 4.22 -10.71
N VAL A 221 0.35 4.21 -10.06
CA VAL A 221 0.61 3.27 -8.96
C VAL A 221 1.21 4.08 -7.79
N ASP A 222 1.79 3.38 -6.82
CA ASP A 222 2.36 3.98 -5.62
C ASP A 222 2.97 5.38 -5.74
N GLN A 223 3.95 5.52 -6.63
CA GLN A 223 4.67 6.77 -6.76
C GLN A 223 4.26 7.68 -7.92
N GLY A 224 3.10 7.42 -8.52
CA GLY A 224 2.66 8.29 -9.60
C GLY A 224 2.19 7.66 -10.89
N PHE A 225 2.05 8.51 -11.90
CA PHE A 225 1.57 8.10 -13.22
C PHE A 225 2.51 7.23 -13.99
N LEU A 226 1.92 6.34 -14.81
CA LEU A 226 2.68 5.49 -15.70
C LEU A 226 2.92 6.37 -16.92
N ALA A 227 3.74 5.90 -17.85
CA ALA A 227 4.04 6.65 -19.07
C ALA A 227 2.76 6.83 -19.88
N ARG A 228 1.97 5.76 -19.95
CA ARG A 228 0.70 5.77 -20.69
C ARG A 228 -0.25 4.77 -20.05
N PRO A 229 -1.56 4.91 -20.29
CA PRO A 229 -2.49 3.96 -19.68
C PRO A 229 -2.27 2.53 -20.18
N ILE A 230 -2.55 1.56 -19.31
CA ILE A 230 -2.40 0.15 -19.65
C ILE A 230 -3.70 -0.55 -19.27
N GLU A 231 -4.35 -1.16 -20.26
CA GLU A 231 -5.60 -1.87 -20.01
C GLU A 231 -5.27 -3.22 -19.36
N VAL A 232 -5.98 -3.54 -18.29
CA VAL A 232 -5.78 -4.81 -17.60
C VAL A 232 -7.16 -5.38 -17.27
N ARG A 233 -7.23 -6.70 -17.05
CA ARG A 233 -8.49 -7.34 -16.71
C ARG A 233 -8.53 -7.66 -15.21
N ALA A 234 -7.36 -7.91 -14.65
CA ALA A 234 -7.25 -8.17 -13.22
C ALA A 234 -5.96 -7.65 -12.71
N LEU A 235 -5.95 -7.27 -11.45
CA LEU A 235 -4.71 -6.86 -10.85
C LEU A 235 -4.52 -7.20 -9.37
N PHE A 236 -3.35 -7.74 -9.08
CA PHE A 236 -2.97 -8.09 -7.74
C PHE A 236 -2.68 -6.81 -6.97
N LEU A 237 -3.21 -6.75 -5.77
CA LEU A 237 -2.98 -5.57 -4.94
C LEU A 237 -2.75 -6.02 -3.50
N ALA A 238 -1.49 -6.03 -3.09
CA ALA A 238 -1.11 -6.42 -1.75
C ALA A 238 -1.16 -5.24 -0.79
N PRO A 239 -1.10 -5.52 0.53
CA PRO A 239 -1.16 -4.43 1.52
C PRO A 239 -0.24 -3.24 1.19
N ALA A 240 -0.84 -2.04 1.23
CA ALA A 240 -0.17 -0.77 0.99
C ALA A 240 0.12 -0.41 -0.47
N GLU A 241 -0.16 -1.31 -1.39
CA GLU A 241 0.04 -1.02 -2.81
C GLU A 241 -1.13 -0.14 -3.26
N ARG A 242 -0.88 0.74 -4.24
CA ARG A 242 -1.95 1.59 -4.75
C ARG A 242 -1.99 1.46 -6.26
N ALA A 243 -3.19 1.47 -6.83
CA ALA A 243 -3.36 1.36 -8.27
C ALA A 243 -4.58 2.18 -8.68
N GLU A 244 -4.36 3.21 -9.51
CA GLU A 244 -5.43 4.08 -10.00
C GLU A 244 -5.82 3.61 -11.39
N VAL A 245 -7.11 3.37 -11.58
CA VAL A 245 -7.60 2.90 -12.86
C VAL A 245 -8.80 3.73 -13.31
N VAL A 246 -8.99 3.78 -14.62
CA VAL A 246 -10.12 4.50 -15.18
C VAL A 246 -11.03 3.48 -15.85
N VAL A 247 -12.32 3.54 -15.54
CA VAL A 247 -13.29 2.63 -16.15
C VAL A 247 -14.48 3.41 -16.66
N GLU A 248 -15.13 2.86 -17.69
CA GLU A 248 -16.31 3.49 -18.27
C GLU A 248 -17.50 2.64 -17.81
N LEU A 249 -18.39 3.24 -17.03
CA LEU A 249 -19.54 2.52 -16.54
C LEU A 249 -20.83 2.98 -17.22
N GLY A 250 -21.60 2.02 -17.70
CA GLY A 250 -22.86 2.31 -18.34
C GLY A 250 -23.97 2.02 -17.35
N GLU A 251 -25.21 2.18 -17.77
CA GLU A 251 -26.33 1.94 -16.87
C GLU A 251 -26.37 0.47 -16.46
N GLY A 252 -26.65 0.22 -15.18
CA GLY A 252 -26.72 -1.15 -14.70
C GLY A 252 -26.01 -1.35 -13.38
N VAL A 253 -25.61 -2.58 -13.11
CA VAL A 253 -24.94 -2.92 -11.87
C VAL A 253 -23.56 -3.51 -12.13
N TYR A 254 -22.54 -2.96 -11.48
CA TYR A 254 -21.18 -3.43 -11.63
C TYR A 254 -20.64 -3.86 -10.27
N LEU A 255 -19.66 -4.75 -10.30
CA LEU A 255 -19.08 -5.24 -9.05
C LEU A 255 -17.57 -5.19 -9.02
N LEU A 256 -17.01 -4.75 -7.90
CA LEU A 256 -15.57 -4.77 -7.73
C LEU A 256 -15.42 -6.10 -7.01
N LYS A 257 -14.66 -7.03 -7.59
CA LYS A 257 -14.54 -8.33 -6.96
C LYS A 257 -13.14 -8.86 -6.82
N ASN A 258 -13.02 -9.86 -5.95
CA ASN A 258 -11.78 -10.57 -5.77
C ASN A 258 -12.07 -11.80 -6.62
N THR A 259 -11.16 -12.15 -7.52
CA THR A 259 -11.36 -13.34 -8.35
C THR A 259 -10.33 -14.37 -7.89
N PRO A 260 -10.61 -15.65 -8.13
CA PRO A 260 -9.72 -16.74 -7.74
C PRO A 260 -8.24 -16.70 -8.10
N PHE A 261 -7.42 -17.04 -7.12
CA PHE A 261 -5.98 -17.12 -7.31
C PHE A 261 -5.43 -18.03 -6.22
N ASP A 262 -4.21 -18.51 -6.41
CA ASP A 262 -3.52 -19.39 -5.45
C ASP A 262 -2.75 -18.44 -4.52
N PRO A 263 -3.17 -18.37 -3.24
CA PRO A 263 -2.54 -17.51 -2.22
C PRO A 263 -1.10 -17.90 -1.89
N MET A 264 -0.74 -19.12 -2.26
CA MET A 264 0.60 -19.67 -2.02
C MET A 264 1.11 -19.55 -0.57
N HIS A 265 0.31 -20.01 0.37
CA HIS A 265 0.76 -20.01 1.76
C HIS A 265 1.53 -21.31 1.94
N LEU A 266 2.84 -21.26 1.68
CA LEU A 266 3.69 -22.44 1.79
C LEU A 266 4.70 -22.35 2.93
N GLU A 267 4.52 -21.38 3.81
CA GLU A 267 5.42 -21.16 4.93
C GLU A 267 5.34 -22.21 6.04
N MET A 268 4.17 -22.78 6.26
CA MET A 268 3.99 -23.78 7.33
C MET A 268 3.10 -24.93 6.83
N GLY A 269 3.58 -25.65 5.83
CA GLY A 269 2.78 -26.73 5.27
C GLY A 269 2.11 -26.12 4.06
N HIS A 270 0.78 -26.10 4.03
CA HIS A 270 0.08 -25.52 2.89
C HIS A 270 -1.06 -24.58 3.26
N GLY A 271 -0.91 -23.89 4.39
CA GLY A 271 -1.93 -22.95 4.81
C GLY A 271 -2.86 -23.45 5.89
N MET A 272 -3.63 -22.53 6.44
CA MET A 272 -4.59 -22.85 7.50
C MET A 272 -6.04 -22.63 7.04
N GLN A 273 -6.97 -22.99 7.91
CA GLN A 273 -8.41 -22.85 7.68
C GLN A 273 -8.81 -21.38 7.82
N GLU A 274 -9.42 -20.82 6.78
CA GLU A 274 -9.84 -19.41 6.80
C GLU A 274 -11.34 -19.23 6.60
N ALA A 275 -11.91 -18.29 7.35
CA ALA A 275 -13.35 -18.01 7.26
C ALA A 275 -13.69 -17.44 5.88
N LEU A 276 -12.82 -16.60 5.34
CA LEU A 276 -13.03 -16.03 4.01
C LEU A 276 -11.74 -16.28 3.24
N PRO A 277 -11.63 -17.45 2.59
CA PRO A 277 -10.43 -17.82 1.82
C PRO A 277 -9.89 -16.68 0.95
N GLU A 278 -8.61 -16.44 1.11
CA GLU A 278 -7.91 -15.38 0.38
C GLU A 278 -8.12 -15.51 -1.13
N GLY A 279 -8.10 -16.75 -1.62
CA GLY A 279 -8.28 -16.99 -3.04
C GLY A 279 -9.70 -17.26 -3.52
N SER A 280 -10.69 -17.05 -2.65
CA SER A 280 -12.08 -17.29 -3.04
C SER A 280 -12.68 -16.09 -3.79
N GLU A 281 -13.77 -16.33 -4.51
CA GLU A 281 -14.43 -15.26 -5.25
C GLU A 281 -15.47 -14.58 -4.35
N TYR A 282 -15.46 -13.26 -4.32
CA TYR A 282 -16.42 -12.52 -3.51
C TYR A 282 -16.52 -11.06 -3.94
N THR A 283 -17.62 -10.42 -3.58
CA THR A 283 -17.86 -9.03 -3.95
C THR A 283 -17.28 -8.06 -2.92
N ILE A 284 -16.50 -7.10 -3.41
CA ILE A 284 -15.88 -6.11 -2.55
C ILE A 284 -16.75 -4.86 -2.48
N ALA A 285 -17.29 -4.46 -3.62
CA ALA A 285 -18.15 -3.29 -3.67
C ALA A 285 -19.12 -3.41 -4.83
N THR A 286 -20.27 -2.75 -4.70
CA THR A 286 -21.27 -2.75 -5.75
C THR A 286 -21.49 -1.32 -6.29
N PHE A 287 -21.53 -1.19 -7.61
CA PHE A 287 -21.74 0.10 -8.24
C PHE A 287 -23.10 0.09 -8.93
N LEU A 288 -24.05 0.86 -8.40
CA LEU A 288 -25.38 0.96 -8.99
C LEU A 288 -25.33 2.18 -9.91
N VAL A 289 -25.13 1.93 -11.20
CA VAL A 289 -25.04 3.00 -12.18
C VAL A 289 -26.38 3.30 -12.82
N GLU A 290 -26.90 4.50 -12.56
CA GLU A 290 -28.19 4.92 -13.09
C GLU A 290 -28.14 6.36 -13.58
N GLY A 291 -28.70 6.60 -14.76
CA GLY A 291 -28.70 7.94 -15.33
C GLY A 291 -27.51 8.22 -16.22
N LYS A 292 -27.54 9.36 -16.89
CA LYS A 292 -26.45 9.77 -17.78
C LYS A 292 -25.56 10.78 -17.07
N GLY A 293 -24.28 10.47 -16.97
CA GLY A 293 -23.34 11.36 -16.31
C GLY A 293 -22.32 11.93 -17.27
N GLU A 294 -21.23 12.45 -16.72
CA GLU A 294 -20.18 13.05 -17.52
C GLU A 294 -19.11 12.09 -18.03
N ALA A 295 -18.70 12.32 -19.27
CA ALA A 295 -17.66 11.51 -19.89
C ALA A 295 -16.36 12.30 -19.73
N VAL A 296 -15.32 11.64 -19.22
CA VAL A 296 -14.04 12.30 -19.01
C VAL A 296 -12.96 11.59 -19.82
N PRO A 297 -12.68 12.10 -21.03
CA PRO A 297 -11.66 11.54 -21.92
C PRO A 297 -10.28 11.49 -21.28
N VAL A 298 -9.66 10.32 -21.31
CA VAL A 298 -8.32 10.15 -20.75
C VAL A 298 -7.45 9.48 -21.79
N GLU A 299 -6.34 10.13 -22.14
CA GLU A 299 -5.44 9.59 -23.14
C GLU A 299 -4.00 9.87 -22.72
N ALA A 300 -3.67 11.15 -22.61
CA ALA A 300 -2.33 11.54 -22.23
C ALA A 300 -2.15 11.79 -20.75
N LEU A 301 -1.16 11.12 -20.17
CA LEU A 301 -0.79 11.29 -18.78
C LEU A 301 0.45 12.15 -18.95
N SER A 302 0.40 13.38 -18.47
CA SER A 302 1.52 14.30 -18.66
C SER A 302 2.55 14.38 -17.53
N ASP A 303 2.92 13.23 -16.98
CA ASP A 303 3.89 13.21 -15.90
C ASP A 303 4.54 11.83 -15.81
N PRO A 304 5.17 11.39 -16.93
CA PRO A 304 5.84 10.08 -17.00
C PRO A 304 6.90 9.82 -15.94
N PRO A 305 7.15 8.54 -15.63
CA PRO A 305 8.14 8.20 -14.62
C PRO A 305 9.54 8.26 -15.24
N PRO A 306 10.55 8.68 -14.46
CA PRO A 306 11.91 8.77 -14.98
C PRO A 306 12.51 7.39 -15.26
N GLU A 307 13.48 7.34 -16.16
CA GLU A 307 14.16 6.10 -16.50
C GLU A 307 14.97 5.69 -15.25
N PRO A 308 15.14 4.38 -15.02
CA PRO A 308 15.91 3.98 -13.85
C PRO A 308 17.40 4.27 -13.96
N PRO A 309 18.06 4.60 -12.83
CA PRO A 309 19.49 4.89 -12.91
C PRO A 309 20.31 3.62 -13.07
N LYS A 310 21.60 3.78 -13.31
CA LYS A 310 22.51 2.64 -13.50
C LYS A 310 23.13 2.21 -12.17
N PRO A 311 22.79 1.00 -11.70
CA PRO A 311 23.35 0.51 -10.43
C PRO A 311 24.83 0.17 -10.54
N THR A 312 25.58 0.38 -9.46
CA THR A 312 27.00 0.06 -9.49
C THR A 312 27.30 -1.09 -8.52
N ARG A 313 26.27 -1.58 -7.83
CA ARG A 313 26.43 -2.68 -6.89
C ARG A 313 25.13 -3.47 -6.80
N THR A 314 25.26 -4.79 -6.75
CA THR A 314 24.10 -5.67 -6.63
C THR A 314 24.07 -6.27 -5.24
N ARG A 315 22.89 -6.28 -4.64
CA ARG A 315 22.72 -6.78 -3.29
C ARG A 315 21.59 -7.80 -3.28
N ARG A 316 21.88 -9.00 -2.77
CA ARG A 316 20.87 -10.06 -2.72
C ARG A 316 20.16 -10.09 -1.36
N PHE A 317 18.84 -10.26 -1.40
CA PHE A 317 18.03 -10.32 -0.18
C PHE A 317 17.19 -11.59 -0.17
N ALA A 318 17.37 -12.41 0.87
CA ALA A 318 16.61 -13.65 0.99
C ALA A 318 15.51 -13.51 2.03
N LEU A 319 14.28 -13.82 1.64
CA LEU A 319 13.15 -13.73 2.55
C LEU A 319 12.87 -15.15 3.00
N SER A 320 13.00 -15.39 4.30
CA SER A 320 12.82 -16.74 4.85
C SER A 320 12.19 -16.72 6.21
N LEU A 321 11.58 -17.85 6.57
CA LEU A 321 11.02 -18.01 7.89
C LEU A 321 12.07 -18.84 8.65
N SER A 322 12.66 -18.26 9.68
CA SER A 322 13.66 -18.96 10.48
C SER A 322 12.95 -19.39 11.76
N GLY A 323 12.44 -20.63 11.77
CA GLY A 323 11.73 -21.09 12.94
C GLY A 323 10.38 -20.37 12.99
N MET A 324 10.20 -19.52 13.99
CA MET A 324 8.96 -18.77 14.12
C MET A 324 9.24 -17.29 13.85
N GLN A 325 10.41 -17.01 13.30
CA GLN A 325 10.82 -15.64 13.02
C GLN A 325 11.06 -15.35 11.54
N TRP A 326 10.28 -14.44 10.96
CA TRP A 326 10.48 -14.07 9.57
C TRP A 326 11.76 -13.24 9.51
N THR A 327 12.58 -13.47 8.48
CA THR A 327 13.83 -12.75 8.37
C THR A 327 14.14 -12.31 6.96
N ILE A 328 15.09 -11.38 6.87
CA ILE A 328 15.58 -10.82 5.61
C ILE A 328 17.10 -11.00 5.72
N ASN A 329 17.65 -11.89 4.88
CA ASN A 329 19.07 -12.22 4.94
C ASN A 329 19.41 -12.70 6.33
N GLY A 330 18.46 -13.42 6.95
CA GLY A 330 18.66 -13.93 8.29
C GLY A 330 18.48 -12.90 9.40
N MET A 331 18.32 -11.63 9.03
CA MET A 331 18.16 -10.56 10.03
C MET A 331 16.71 -10.20 10.31
N PHE A 332 16.48 -9.61 11.48
CA PHE A 332 15.16 -9.15 11.88
C PHE A 332 15.33 -8.04 12.90
N TRP A 333 14.26 -7.28 13.14
CA TRP A 333 14.31 -6.14 14.04
C TRP A 333 14.81 -6.47 15.43
N ASN A 334 15.66 -5.60 15.98
CA ASN A 334 16.19 -5.78 17.33
C ASN A 334 15.41 -4.81 18.21
N ALA A 335 14.38 -5.30 18.86
CA ALA A 335 13.56 -4.45 19.72
C ALA A 335 14.41 -3.66 20.72
N SER A 336 15.48 -4.29 21.24
CA SER A 336 16.37 -3.64 22.22
C SER A 336 17.23 -2.53 21.63
N ASN A 337 17.37 -2.51 20.31
CA ASN A 337 18.16 -1.47 19.66
C ASN A 337 17.53 -1.11 18.31
N PRO A 338 16.56 -0.17 18.35
CA PRO A 338 15.88 0.27 17.13
C PRO A 338 16.79 1.03 16.16
N LEU A 339 18.03 1.32 16.57
CA LEU A 339 18.96 2.03 15.71
C LEU A 339 20.01 1.12 15.11
N PHE A 340 19.87 -0.19 15.30
CA PHE A 340 20.85 -1.12 14.76
C PHE A 340 20.92 -0.94 13.24
N GLU A 341 22.14 -0.87 12.70
CA GLU A 341 22.28 -0.68 11.25
C GLU A 341 22.47 -2.02 10.54
N HIS A 342 21.35 -2.65 10.18
CA HIS A 342 21.38 -3.95 9.51
C HIS A 342 22.09 -3.93 8.18
N VAL A 343 21.81 -2.91 7.37
CA VAL A 343 22.44 -2.82 6.05
C VAL A 343 22.99 -1.43 5.81
N SER A 344 24.23 -1.37 5.34
CA SER A 344 24.89 -0.10 5.04
C SER A 344 24.93 0.01 3.51
N VAL A 345 24.29 1.04 2.97
CA VAL A 345 24.24 1.22 1.52
C VAL A 345 24.73 2.59 1.06
N GLU A 346 24.93 2.73 -0.25
CA GLU A 346 25.36 3.99 -0.82
C GLU A 346 25.23 3.95 -2.34
N GLY A 347 24.92 5.09 -2.93
CA GLY A 347 24.77 5.18 -4.36
C GLY A 347 23.59 4.43 -4.93
N VAL A 348 23.69 4.09 -6.20
CA VAL A 348 22.62 3.37 -6.88
C VAL A 348 22.88 1.88 -6.79
N GLU A 349 21.91 1.15 -6.25
CA GLU A 349 22.04 -0.29 -6.08
C GLU A 349 20.93 -1.06 -6.76
N LEU A 350 21.21 -2.29 -7.13
CA LEU A 350 20.21 -3.17 -7.72
C LEU A 350 20.01 -4.25 -6.65
N TRP A 351 18.78 -4.41 -6.19
CA TRP A 351 18.49 -5.42 -5.19
C TRP A 351 17.77 -6.61 -5.80
N GLU A 352 18.32 -7.79 -5.57
CA GLU A 352 17.72 -9.03 -6.06
C GLU A 352 17.01 -9.63 -4.85
N ILE A 353 15.69 -9.48 -4.80
CA ILE A 353 14.90 -9.99 -3.68
C ILE A 353 14.34 -11.37 -4.01
N VAL A 354 14.82 -12.38 -3.29
CA VAL A 354 14.42 -13.76 -3.52
C VAL A 354 13.59 -14.32 -2.38
N ASN A 355 12.33 -14.64 -2.67
CA ASN A 355 11.45 -15.21 -1.66
C ASN A 355 11.59 -16.74 -1.69
N ASP A 356 11.81 -17.34 -0.53
CA ASP A 356 11.96 -18.79 -0.42
C ASP A 356 10.74 -19.50 -1.01
N LYS A 357 10.91 -20.77 -1.40
CA LYS A 357 9.78 -21.52 -1.93
C LYS A 357 8.82 -21.84 -0.79
N ALA A 358 9.38 -22.25 0.36
CA ALA A 358 8.57 -22.57 1.54
C ALA A 358 8.32 -21.26 2.28
N SER A 359 7.52 -20.40 1.67
CA SER A 359 7.23 -19.09 2.24
C SER A 359 5.86 -18.67 1.70
N MET A 360 5.52 -17.40 1.89
CA MET A 360 4.25 -16.89 1.39
C MET A 360 4.56 -15.56 0.68
N PRO A 361 3.60 -15.04 -0.09
CA PRO A 361 3.88 -13.76 -0.77
C PRO A 361 4.15 -12.65 0.25
N HIS A 362 5.17 -11.82 -0.01
CA HIS A 362 5.51 -10.72 0.89
C HIS A 362 5.53 -9.38 0.16
N PRO A 363 4.73 -8.40 0.60
CA PRO A 363 4.76 -7.10 -0.07
C PRO A 363 5.87 -6.30 0.61
N MET A 364 7.04 -6.24 -0.01
CA MET A 364 8.18 -5.55 0.58
C MET A 364 8.13 -4.07 0.28
N HIS A 365 8.34 -3.27 1.33
CA HIS A 365 8.29 -1.83 1.24
C HIS A 365 9.56 -1.16 1.78
N LEU A 366 10.09 -0.21 1.02
CA LEU A 366 11.29 0.53 1.43
C LEU A 366 10.94 1.98 1.72
N HIS A 367 11.31 2.48 2.89
CA HIS A 367 11.07 3.89 3.25
C HIS A 367 12.14 4.79 2.64
N GLY A 368 11.77 6.07 2.50
CA GLY A 368 12.71 7.09 2.04
C GLY A 368 13.17 7.19 0.61
N PHE A 369 13.08 6.09 -0.15
CA PHE A 369 13.52 6.08 -1.54
C PHE A 369 12.56 5.22 -2.33
N PRO A 370 12.17 5.69 -3.52
CA PRO A 370 11.25 4.92 -4.36
C PRO A 370 12.04 3.83 -5.08
N MET A 371 11.34 2.86 -5.66
CA MET A 371 12.01 1.79 -6.36
C MET A 371 11.52 1.62 -7.80
N TRP A 372 12.45 1.28 -8.69
CA TRP A 372 12.14 1.00 -10.09
C TRP A 372 12.14 -0.53 -10.16
N ILE A 373 11.11 -1.14 -10.70
CA ILE A 373 11.08 -2.59 -10.80
C ILE A 373 11.76 -2.93 -12.13
N ILE A 374 12.81 -3.74 -12.05
CA ILE A 374 13.57 -4.11 -13.23
C ILE A 374 13.14 -5.43 -13.85
N GLU A 375 12.85 -6.43 -13.02
CA GLU A 375 12.50 -7.72 -13.57
C GLU A 375 11.90 -8.67 -12.54
N ARG A 376 11.10 -9.61 -13.05
CA ARG A 376 10.48 -10.64 -12.23
C ARG A 376 10.89 -11.96 -12.86
N LYS A 377 11.42 -12.87 -12.06
CA LYS A 377 11.76 -14.18 -12.60
C LYS A 377 11.26 -15.28 -11.68
N ASP A 378 10.90 -16.41 -12.30
CA ASP A 378 10.36 -17.58 -11.60
C ASP A 378 9.05 -17.24 -10.90
N SER A 379 8.25 -16.41 -11.56
CA SER A 379 6.95 -16.01 -11.01
C SER A 379 5.96 -17.15 -11.19
N PRO A 380 4.94 -17.25 -10.31
CA PRO A 380 3.98 -18.34 -10.52
C PRO A 380 3.24 -18.01 -11.83
N ARG A 381 2.61 -19.00 -12.44
CA ARG A 381 1.94 -18.78 -13.72
C ARG A 381 0.86 -17.70 -13.67
N GLN A 382 0.07 -17.67 -12.60
CA GLN A 382 -0.99 -16.67 -12.48
C GLN A 382 -0.42 -15.26 -12.56
N VAL A 383 0.85 -15.11 -12.21
CA VAL A 383 1.51 -13.81 -12.27
C VAL A 383 2.13 -13.65 -13.66
N ALA A 384 2.88 -14.66 -14.10
CA ALA A 384 3.53 -14.60 -15.41
C ALA A 384 2.52 -14.31 -16.53
N GLU A 385 1.33 -14.87 -16.43
CA GLU A 385 0.31 -14.65 -17.46
C GLU A 385 -0.14 -13.19 -17.51
N LEU A 386 0.07 -12.44 -16.43
CA LEU A 386 -0.34 -11.04 -16.41
C LEU A 386 0.78 -10.08 -16.83
N ALA A 387 2.01 -10.58 -16.95
CA ALA A 387 3.15 -9.76 -17.33
C ALA A 387 2.98 -9.19 -18.74
N VAL A 388 3.54 -8.00 -18.98
CA VAL A 388 3.42 -7.36 -20.29
C VAL A 388 4.73 -7.13 -21.05
N ASP A 389 5.84 -7.61 -20.52
CA ASP A 389 7.11 -7.46 -21.22
C ASP A 389 7.98 -8.68 -20.99
N ASN A 390 9.09 -8.76 -21.70
CA ASN A 390 9.99 -9.90 -21.59
C ASN A 390 10.81 -9.95 -20.31
N ARG A 391 10.59 -8.98 -19.43
CA ARG A 391 11.28 -8.95 -18.15
C ARG A 391 10.34 -9.49 -17.07
N GLY A 392 9.20 -10.03 -17.52
CA GLY A 392 8.22 -10.59 -16.62
C GLY A 392 7.48 -9.57 -15.79
N ARG A 393 7.60 -8.29 -16.16
CA ARG A 393 6.97 -7.22 -15.41
C ARG A 393 5.47 -7.05 -15.58
N LEU A 394 4.80 -6.81 -14.47
CA LEU A 394 3.35 -6.59 -14.45
C LEU A 394 3.08 -5.11 -14.76
N PRO A 395 1.87 -4.79 -15.22
CA PRO A 395 1.53 -3.39 -15.53
C PRO A 395 1.87 -2.46 -14.37
N THR A 396 1.57 -2.88 -13.14
CA THR A 396 1.88 -2.07 -11.97
C THR A 396 3.40 -1.94 -11.79
N ASP A 397 4.17 -2.92 -12.27
CA ASP A 397 5.64 -2.87 -12.17
C ASP A 397 6.24 -1.81 -13.11
N LEU A 398 5.41 -1.23 -13.98
CA LEU A 398 5.89 -0.24 -14.94
C LEU A 398 5.92 1.19 -14.44
N GLY A 399 5.41 1.42 -13.24
CA GLY A 399 5.45 2.76 -12.67
C GLY A 399 6.48 2.75 -11.57
N LEU A 400 6.79 3.92 -11.03
CA LEU A 400 7.73 4.03 -9.93
C LEU A 400 6.92 3.50 -8.74
N LYS A 401 7.54 2.69 -7.90
CA LYS A 401 6.83 2.05 -6.78
C LYS A 401 7.53 2.24 -5.43
N ASP A 402 6.87 1.80 -4.35
CA ASP A 402 7.47 1.82 -3.02
C ASP A 402 7.16 0.52 -2.24
N THR A 403 6.24 -0.28 -2.76
CA THR A 403 5.83 -1.55 -2.14
C THR A 403 5.62 -2.56 -3.28
N VAL A 404 6.39 -3.65 -3.26
CA VAL A 404 6.28 -4.63 -4.32
C VAL A 404 6.10 -6.06 -3.77
N LEU A 405 5.17 -6.79 -4.38
CA LEU A 405 4.86 -8.16 -3.96
C LEU A 405 5.80 -9.20 -4.57
N ILE A 406 6.36 -10.05 -3.72
CA ILE A 406 7.26 -11.11 -4.18
C ILE A 406 6.65 -12.43 -3.73
N TRP A 407 6.38 -13.28 -4.71
CA TRP A 407 5.77 -14.59 -4.49
C TRP A 407 6.78 -15.66 -4.11
N PRO A 408 6.33 -16.72 -3.42
CA PRO A 408 7.28 -17.78 -3.04
C PRO A 408 8.00 -18.33 -4.27
N GLY A 409 9.32 -18.46 -4.17
CA GLY A 409 10.12 -18.98 -5.27
C GLY A 409 10.50 -17.92 -6.30
N GLU A 410 9.85 -16.75 -6.23
CA GLU A 410 10.11 -15.68 -7.19
C GLU A 410 11.25 -14.73 -6.83
N THR A 411 11.88 -14.17 -7.85
CA THR A 411 12.95 -13.20 -7.64
C THR A 411 12.51 -11.90 -8.30
N VAL A 412 12.51 -10.81 -7.55
CA VAL A 412 12.14 -9.52 -8.09
C VAL A 412 13.35 -8.62 -7.95
N LYS A 413 13.78 -8.06 -9.08
CA LYS A 413 14.94 -7.17 -9.06
C LYS A 413 14.48 -5.72 -9.14
N ILE A 414 14.99 -4.89 -8.25
CA ILE A 414 14.63 -3.48 -8.22
C ILE A 414 15.89 -2.63 -8.18
N VAL A 415 15.78 -1.37 -8.57
CA VAL A 415 16.91 -0.46 -8.53
C VAL A 415 16.49 0.70 -7.64
N VAL A 416 17.40 1.15 -6.79
CA VAL A 416 17.12 2.24 -5.87
C VAL A 416 18.30 3.20 -5.83
N ASN A 417 18.01 4.49 -5.83
CA ASN A 417 19.06 5.50 -5.73
C ASN A 417 19.13 6.01 -4.29
N PHE A 418 20.14 5.56 -3.56
CA PHE A 418 20.30 6.01 -2.18
C PHE A 418 21.04 7.32 -2.22
N ASP A 419 20.28 8.39 -2.44
CA ASP A 419 20.78 9.74 -2.56
C ASP A 419 21.70 10.14 -1.40
N ALA A 420 22.92 10.56 -1.74
CA ALA A 420 23.91 10.96 -0.76
C ALA A 420 23.38 12.04 0.18
N LYS A 421 22.38 12.78 -0.25
CA LYS A 421 21.81 13.83 0.59
C LYS A 421 21.24 13.24 1.88
N LYS A 422 20.95 11.95 1.88
CA LYS A 422 20.39 11.32 3.08
C LYS A 422 21.37 10.47 3.88
N ARG A 423 22.67 10.68 3.65
CA ARG A 423 23.67 9.91 4.39
C ARG A 423 23.50 10.17 5.89
N GLY A 424 23.81 9.17 6.70
CA GLY A 424 23.67 9.32 8.14
C GLY A 424 22.26 9.12 8.65
N GLN A 425 21.33 8.76 7.77
CA GLN A 425 19.94 8.55 8.20
C GLN A 425 19.55 7.07 8.11
N LEU A 426 18.56 6.67 8.88
CA LEU A 426 18.11 5.27 8.87
C LEU A 426 16.70 5.16 8.28
N PHE A 427 16.50 4.20 7.38
CA PHE A 427 15.20 3.98 6.77
C PHE A 427 14.83 2.51 6.80
N PRO A 428 13.63 2.19 7.32
CA PRO A 428 13.16 0.81 7.38
C PRO A 428 12.90 0.16 6.02
N PHE A 429 13.18 -1.13 5.94
CA PHE A 429 12.91 -1.94 4.77
C PHE A 429 12.18 -3.10 5.44
N HIS A 430 10.94 -3.32 5.07
CA HIS A 430 10.17 -4.36 5.74
C HIS A 430 9.00 -4.89 4.92
N CYS A 431 8.41 -5.96 5.43
CA CYS A 431 7.25 -6.52 4.77
C CYS A 431 6.08 -5.70 5.27
N HIS A 432 5.11 -5.44 4.40
CA HIS A 432 3.98 -4.64 4.80
C HIS A 432 2.79 -5.45 5.29
N ASN A 433 3.00 -6.76 5.46
CA ASN A 433 1.99 -7.64 6.05
C ASN A 433 2.25 -7.19 7.49
N LEU A 434 1.27 -6.51 8.11
CA LEU A 434 1.50 -5.99 9.45
C LEU A 434 1.81 -7.01 10.56
N GLU A 435 1.33 -8.24 10.42
CA GLU A 435 1.65 -9.24 11.43
C GLU A 435 3.14 -9.59 11.27
N HIS A 436 3.61 -9.68 10.03
CA HIS A 436 5.02 -9.98 9.78
C HIS A 436 5.87 -8.82 10.30
N GLU A 437 5.42 -7.59 10.02
CA GLU A 437 6.13 -6.40 10.46
C GLU A 437 6.24 -6.37 11.98
N ASP A 438 5.11 -6.49 12.67
CA ASP A 438 5.13 -6.49 14.14
C ASP A 438 5.96 -7.68 14.63
N GLY A 439 6.01 -8.74 13.81
CA GLY A 439 6.77 -9.93 14.16
C GLY A 439 8.27 -9.75 14.00
N GLY A 440 8.70 -8.59 13.49
CA GLY A 440 10.12 -8.35 13.33
C GLY A 440 10.69 -8.42 11.93
N MET A 441 9.84 -8.61 10.91
CA MET A 441 10.35 -8.68 9.54
C MET A 441 10.57 -7.24 9.06
N MET A 442 11.56 -6.59 9.63
CA MET A 442 11.90 -5.22 9.31
C MET A 442 13.34 -4.99 9.71
N ILE A 443 14.09 -4.28 8.88
CA ILE A 443 15.49 -3.98 9.18
C ILE A 443 15.77 -2.53 8.79
N ASN A 444 16.82 -1.96 9.40
CA ASN A 444 17.20 -0.59 9.09
C ASN A 444 18.19 -0.54 7.94
N ILE A 445 17.96 0.39 7.02
CA ILE A 445 18.87 0.61 5.90
C ILE A 445 19.61 1.89 6.26
N ALA A 446 20.91 1.79 6.46
CA ALA A 446 21.72 2.97 6.82
C ALA A 446 22.41 3.50 5.58
N VAL A 447 22.11 4.77 5.24
CA VAL A 447 22.71 5.40 4.07
C VAL A 447 24.08 5.95 4.43
N LYS A 448 25.08 5.58 3.68
CA LYS A 448 26.42 6.03 3.94
C LYS A 448 26.97 6.86 2.82
CU CU B . 5.69 -10.77 4.81
CU CU C . 6.64 3.47 4.27
CU2 C2O D . 6.74 1.17 6.96
CU3 C2O D . 2.99 1.95 5.01
O1 C2O D . 4.73 1.41 6.21
C ACT E . 4.24 -23.27 -15.67
O ACT E . 4.74 -22.90 -16.72
OXT ACT E . 3.06 -23.06 -15.48
CH3 ACT E . 5.08 -23.98 -14.62
#